data_7V3B
#
_entry.id   7V3B
#
_cell.length_a   122.703
_cell.length_b   58.897
_cell.length_c   69.188
_cell.angle_alpha   90.000
_cell.angle_beta   90.000
_cell.angle_gamma   90.000
#
_symmetry.space_group_name_H-M   'P 21 21 21'
#
loop_
_entity.id
_entity.type
_entity.pdbx_description
1 polymer Nucleoprotein
2 non-polymer 'MAGNESIUM ION'
3 non-polymer 'PARA-MERCURY-BENZENESULFONIC ACID'
4 non-polymer 'ZINC ION'
5 water water
#
_entity_poly.entity_id   1
_entity_poly.type   'polypeptide(L)'
_entity_poly.pdbx_seq_one_letter_code
;MGSSHHHHHHSSGLVPRGSHMGKPQKADSNNSSKSLQSAGFTAGLTYSQLMTLKDAMLQLDPNAKTWMDIEGRPEDPVEI
ALYQPSSGAYIHFFREPTDLKQFKQDAKYSHGIDVTDLFATQPGLTSAVIDALPRNMVITCQGSDDIRKLLESQGRKDIK
LIDIALSKTDSRKYENAVWDQYKDLCHMHTGVVVEKKKRGGKEEITPHCALMDCIMFDAAVSGGLNTSVLRAVLPRDMVF
RTSTPRVVL
;
_entity_poly.pdbx_strand_id   A,B
#
# COMPACT_ATOMS: atom_id res chain seq x y z
N ALA A 43 -6.14 -8.42 16.22
CA ALA A 43 -6.68 -8.42 14.86
C ALA A 43 -7.83 -7.42 14.74
N GLY A 44 -8.41 -7.06 15.86
CA GLY A 44 -9.53 -6.15 15.88
C GLY A 44 -9.70 -5.48 17.23
N LEU A 45 -10.94 -5.20 17.58
CA LEU A 45 -11.24 -4.45 18.80
C LEU A 45 -11.27 -5.37 20.01
N THR A 46 -10.78 -4.86 21.14
CA THR A 46 -10.85 -5.60 22.39
C THR A 46 -12.28 -5.63 22.91
N TYR A 47 -12.46 -6.31 24.05
CA TYR A 47 -13.78 -6.39 24.66
C TYR A 47 -14.19 -5.04 25.26
N SER A 48 -13.28 -4.42 26.02
CA SER A 48 -13.45 -3.04 26.48
C SER A 48 -13.92 -2.16 25.33
N GLN A 49 -13.23 -2.26 24.19
CA GLN A 49 -13.49 -1.36 23.07
C GLN A 49 -14.86 -1.62 22.45
N LEU A 50 -15.23 -2.89 22.29
CA LEU A 50 -16.54 -3.21 21.71
C LEU A 50 -17.67 -2.74 22.60
N MET A 51 -17.47 -2.80 23.92
CA MET A 51 -18.50 -2.32 24.84
C MET A 51 -18.60 -0.80 24.80
N THR A 52 -17.46 -0.10 24.75
CA THR A 52 -17.47 1.34 24.54
C THR A 52 -18.21 1.70 23.25
N LEU A 53 -17.93 0.96 22.18
CA LEU A 53 -18.58 1.22 20.89
C LEU A 53 -20.08 1.00 20.97
N LYS A 54 -20.51 -0.07 21.65
CA LYS A 54 -21.93 -0.33 21.82
C LYS A 54 -22.62 0.83 22.53
N ASP A 55 -21.99 1.36 23.59
CA ASP A 55 -22.55 2.52 24.27
C ASP A 55 -22.56 3.75 23.39
N ALA A 56 -21.48 3.97 22.63
CA ALA A 56 -21.42 5.12 21.74
C ALA A 56 -22.54 5.08 20.70
N MET A 57 -22.89 3.87 20.24
CA MET A 57 -23.93 3.75 19.23
C MET A 57 -25.30 4.17 19.76
N LEU A 58 -25.50 4.09 21.08
CA LEU A 58 -26.74 4.58 21.68
C LEU A 58 -26.95 6.06 21.43
N GLN A 59 -25.91 6.79 21.07
CA GLN A 59 -26.02 8.21 20.77
C GLN A 59 -26.61 8.48 19.39
N LEU A 60 -26.75 7.47 18.54
CA LEU A 60 -27.47 7.60 17.28
C LEU A 60 -28.95 7.37 17.52
N ASP A 61 -29.78 8.30 17.04
CA ASP A 61 -31.23 8.15 17.06
C ASP A 61 -31.61 7.28 15.87
N PRO A 62 -32.08 6.05 16.11
CA PRO A 62 -32.31 5.12 14.99
C PRO A 62 -33.39 5.57 14.02
N ASN A 63 -34.21 6.55 14.38
CA ASN A 63 -35.29 7.02 13.52
C ASN A 63 -35.06 8.43 13.00
N ALA A 64 -33.97 9.08 13.36
CA ALA A 64 -33.62 10.37 12.79
C ALA A 64 -32.86 10.18 11.47
N LYS A 65 -32.87 11.24 10.66
CA LYS A 65 -32.08 11.25 9.43
C LYS A 65 -30.62 10.97 9.71
N THR A 66 -30.05 10.02 8.96
CA THR A 66 -28.64 9.66 9.10
C THR A 66 -28.00 9.63 7.73
N TRP A 67 -27.00 10.46 7.51
CA TRP A 67 -26.23 10.43 6.28
C TRP A 67 -25.02 9.50 6.45
N MET A 68 -24.60 8.89 5.36
CA MET A 68 -23.39 8.08 5.38
C MET A 68 -22.64 8.30 4.08
N ASP A 69 -21.32 8.35 4.17
CA ASP A 69 -20.47 8.60 3.01
C ASP A 69 -19.14 7.92 3.27
N ILE A 70 -18.46 7.53 2.20
CA ILE A 70 -17.13 6.94 2.34
C ILE A 70 -16.19 7.54 1.31
N GLU A 71 -14.91 7.48 1.62
CA GLU A 71 -13.86 7.64 0.62
C GLU A 71 -13.17 6.30 0.45
N GLY A 72 -12.71 6.03 -0.77
CA GLY A 72 -12.27 4.70 -1.13
C GLY A 72 -13.41 3.86 -1.67
N ARG A 73 -13.05 2.73 -2.28
CA ARG A 73 -14.04 1.85 -2.87
C ARG A 73 -14.79 1.08 -1.78
N PRO A 74 -16.00 0.59 -2.08
CA PRO A 74 -16.78 -0.10 -1.04
C PRO A 74 -16.12 -1.35 -0.50
N GLU A 75 -15.34 -2.05 -1.32
CA GLU A 75 -14.60 -3.21 -0.83
C GLU A 75 -13.31 -2.83 -0.10
N ASP A 76 -12.95 -1.54 -0.10
CA ASP A 76 -11.66 -1.10 0.42
C ASP A 76 -11.75 0.34 0.92
N PRO A 77 -12.64 0.65 1.87
CA PRO A 77 -12.80 2.06 2.27
C PRO A 77 -11.63 2.53 3.12
N VAL A 78 -11.34 3.83 3.02
CA VAL A 78 -10.32 4.45 3.85
C VAL A 78 -10.85 5.55 4.75
N GLU A 79 -12.04 6.09 4.48
CA GLU A 79 -12.63 7.07 5.36
C GLU A 79 -14.13 6.81 5.39
N ILE A 80 -14.70 6.76 6.60
CA ILE A 80 -16.11 6.49 6.77
C ILE A 80 -16.71 7.55 7.66
N ALA A 81 -17.87 8.09 7.27
CA ALA A 81 -18.56 9.05 8.11
C ALA A 81 -20.05 8.75 8.14
N LEU A 82 -20.65 8.90 9.32
CA LEU A 82 -22.10 8.92 9.47
C LEU A 82 -22.47 10.18 10.23
N TYR A 83 -23.58 10.81 9.85
CA TYR A 83 -23.88 12.14 10.37
C TYR A 83 -25.39 12.29 10.58
N GLN A 84 -25.78 12.67 11.80
CA GLN A 84 -27.19 12.96 12.08
C GLN A 84 -27.33 14.46 12.26
N PRO A 85 -27.85 15.16 11.25
CA PRO A 85 -27.88 16.63 11.33
C PRO A 85 -28.78 17.16 12.43
N SER A 86 -29.79 16.41 12.85
CA SER A 86 -30.69 16.90 13.89
C SER A 86 -29.92 17.18 15.19
N SER A 87 -29.04 16.27 15.59
CA SER A 87 -28.27 16.43 16.81
C SER A 87 -26.87 16.99 16.57
N GLY A 88 -26.35 16.86 15.36
CA GLY A 88 -24.96 17.20 15.10
C GLY A 88 -23.99 16.08 15.37
N ALA A 89 -24.47 14.92 15.83
CA ALA A 89 -23.58 13.81 16.13
C ALA A 89 -23.03 13.20 14.85
N TYR A 90 -21.75 12.83 14.88
CA TYR A 90 -21.16 12.17 13.71
C TYR A 90 -20.22 11.05 14.15
N ILE A 91 -20.21 9.98 13.35
CA ILE A 91 -19.23 8.92 13.44
C ILE A 91 -18.22 9.13 12.32
N HIS A 92 -16.94 9.05 12.63
CA HIS A 92 -15.93 9.38 11.63
C HIS A 92 -14.64 8.68 11.98
N PHE A 93 -14.10 7.92 11.03
CA PHE A 93 -12.89 7.15 11.32
C PHE A 93 -12.27 6.74 9.99
N PHE A 94 -11.08 6.14 10.07
CA PHE A 94 -10.26 5.87 8.91
C PHE A 94 -9.80 4.41 8.92
N ARG A 95 -9.34 3.95 7.76
CA ARG A 95 -8.91 2.57 7.62
C ARG A 95 -7.75 2.50 6.61
N GLU A 96 -6.79 1.64 6.88
CA GLU A 96 -5.67 1.44 5.96
C GLU A 96 -6.13 0.63 4.75
N PRO A 97 -5.80 1.05 3.53
CA PRO A 97 -6.28 0.32 2.34
C PRO A 97 -5.55 -1.00 2.16
N THR A 98 -6.24 -1.94 1.50
CA THR A 98 -5.60 -3.18 1.10
C THR A 98 -4.92 -3.06 -0.26
N ASP A 99 -5.58 -2.38 -1.22
CA ASP A 99 -5.06 -2.22 -2.57
C ASP A 99 -4.43 -0.84 -2.72
N LEU A 100 -3.10 -0.79 -2.77
CA LEU A 100 -2.40 0.49 -2.81
C LEU A 100 -2.51 1.16 -4.18
N LYS A 101 -2.64 0.37 -5.25
CA LYS A 101 -2.69 0.98 -6.58
C LYS A 101 -3.99 1.77 -6.75
N GLN A 102 -5.12 1.18 -6.35
CA GLN A 102 -6.39 1.90 -6.42
C GLN A 102 -6.40 3.06 -5.44
N PHE A 103 -5.79 2.88 -4.27
CA PHE A 103 -5.70 3.98 -3.31
C PHE A 103 -4.99 5.18 -3.89
N LYS A 104 -3.88 4.95 -4.62
CA LYS A 104 -3.13 6.07 -5.16
C LYS A 104 -3.93 6.84 -6.20
N GLN A 105 -4.78 6.16 -6.95
CA GLN A 105 -5.61 6.88 -7.93
C GLN A 105 -6.72 7.64 -7.23
N ASP A 106 -7.33 7.02 -6.21
CA ASP A 106 -8.32 7.72 -5.39
C ASP A 106 -7.71 8.94 -4.71
N ALA A 107 -6.46 8.83 -4.25
CA ALA A 107 -5.81 9.97 -3.62
C ALA A 107 -5.63 11.13 -4.60
N LYS A 108 -5.27 10.83 -5.86
CA LYS A 108 -5.00 11.88 -6.82
C LYS A 108 -6.28 12.55 -7.32
N TYR A 109 -7.37 11.79 -7.43
CA TYR A 109 -8.61 12.31 -8.01
C TYR A 109 -9.73 12.49 -7.00
N SER A 110 -9.55 12.10 -5.74
CA SER A 110 -10.65 12.28 -4.80
C SER A 110 -10.19 12.84 -3.46
N HIS A 111 -9.54 12.02 -2.62
CA HIS A 111 -9.44 12.37 -1.20
C HIS A 111 -8.08 12.93 -0.77
N GLY A 112 -7.03 12.76 -1.57
CA GLY A 112 -5.75 13.34 -1.21
C GLY A 112 -5.13 12.88 0.10
N ILE A 113 -5.53 11.72 0.62
CA ILE A 113 -4.97 11.23 1.87
C ILE A 113 -3.61 10.60 1.61
N ASP A 114 -2.63 10.95 2.44
CA ASP A 114 -1.32 10.31 2.45
C ASP A 114 -1.44 8.95 3.11
N VAL A 115 -0.98 7.89 2.42
CA VAL A 115 -1.24 6.54 2.93
C VAL A 115 -0.56 6.29 4.26
N THR A 116 0.55 6.99 4.54
CA THR A 116 1.25 6.75 5.80
C THR A 116 0.48 7.28 6.99
N ASP A 117 -0.40 8.26 6.78
CA ASP A 117 -1.28 8.72 7.85
C ASP A 117 -2.34 7.71 8.23
N LEU A 118 -2.44 6.58 7.52
CA LEU A 118 -3.44 5.56 7.78
C LEU A 118 -2.87 4.35 8.50
N PHE A 119 -1.56 4.35 8.80
CA PHE A 119 -0.96 3.17 9.41
C PHE A 119 -1.32 3.03 10.88
N ALA A 120 -1.72 4.12 11.54
CA ALA A 120 -2.05 4.10 12.96
C ALA A 120 -3.55 3.96 13.21
N THR A 121 -4.31 3.50 12.21
CA THR A 121 -5.74 3.31 12.41
C THR A 121 -6.00 2.02 13.16
N GLN A 122 -7.18 1.94 13.76
CA GLN A 122 -7.59 0.77 14.53
C GLN A 122 -8.08 -0.32 13.60
N PRO A 123 -7.36 -1.42 13.46
CA PRO A 123 -7.81 -2.50 12.57
C PRO A 123 -9.14 -3.06 13.04
N GLY A 124 -10.00 -3.40 12.08
CA GLY A 124 -11.29 -3.98 12.36
C GLY A 124 -12.37 -3.00 12.79
N LEU A 125 -12.07 -1.70 12.79
CA LEU A 125 -13.06 -0.73 13.27
C LEU A 125 -14.25 -0.62 12.31
N THR A 126 -13.98 -0.65 11.00
CA THR A 126 -15.06 -0.59 10.02
C THR A 126 -16.06 -1.70 10.24
N SER A 127 -15.58 -2.94 10.35
CA SER A 127 -16.48 -4.06 10.57
C SER A 127 -17.20 -3.94 11.90
N ALA A 128 -16.48 -3.49 12.93
CA ALA A 128 -17.09 -3.35 14.26
C ALA A 128 -18.18 -2.29 14.26
N VAL A 129 -17.92 -1.14 13.63
CA VAL A 129 -18.92 -0.08 13.57
C VAL A 129 -20.15 -0.55 12.79
N ILE A 130 -19.93 -1.21 11.65
CA ILE A 130 -21.06 -1.64 10.83
C ILE A 130 -21.87 -2.71 11.55
N ASP A 131 -21.19 -3.62 12.27
CA ASP A 131 -21.89 -4.59 13.10
C ASP A 131 -22.78 -3.90 14.13
N ALA A 132 -22.36 -2.75 14.63
CA ALA A 132 -23.00 -2.13 15.78
C ALA A 132 -24.12 -1.16 15.43
N LEU A 133 -24.30 -0.83 14.15
CA LEU A 133 -25.31 0.14 13.76
C LEU A 133 -26.69 -0.37 14.16
N PRO A 134 -27.61 0.52 14.57
CA PRO A 134 -28.94 0.09 15.01
C PRO A 134 -29.66 -0.68 13.92
N ARG A 135 -30.42 -1.69 14.31
CA ARG A 135 -31.07 -2.56 13.34
C ARG A 135 -32.16 -1.80 12.59
N ASN A 136 -32.29 -2.12 11.30
CA ASN A 136 -33.33 -1.60 10.42
C ASN A 136 -33.32 -0.08 10.30
N MET A 137 -32.19 0.56 10.64
CA MET A 137 -32.14 2.01 10.53
C MET A 137 -32.10 2.42 9.05
N VAL A 138 -32.47 3.67 8.79
CA VAL A 138 -32.57 4.20 7.44
C VAL A 138 -31.41 5.17 7.23
N ILE A 139 -30.61 4.92 6.20
CA ILE A 139 -29.43 5.71 5.92
C ILE A 139 -29.60 6.40 4.57
N THR A 140 -29.27 7.68 4.53
CA THR A 140 -29.35 8.50 3.34
C THR A 140 -27.97 8.64 2.72
N CYS A 141 -27.88 8.47 1.39
CA CYS A 141 -26.60 8.57 0.72
C CYS A 141 -26.77 9.22 -0.64
N GLN A 142 -25.66 9.76 -1.14
CA GLN A 142 -25.68 10.58 -2.35
C GLN A 142 -24.83 9.94 -3.43
N GLY A 143 -25.31 10.01 -4.68
CA GLY A 143 -24.47 9.88 -5.83
C GLY A 143 -24.19 8.48 -6.32
N SER A 144 -24.21 7.46 -5.46
CA SER A 144 -23.81 6.14 -5.91
C SER A 144 -24.32 5.08 -4.93
N ASP A 145 -24.10 3.82 -5.31
CA ASP A 145 -24.48 2.65 -4.55
C ASP A 145 -23.33 2.11 -3.69
N ASP A 146 -22.30 2.92 -3.45
CA ASP A 146 -21.16 2.44 -2.68
C ASP A 146 -21.56 2.05 -1.27
N ILE A 147 -22.42 2.84 -0.63
CA ILE A 147 -22.85 2.54 0.73
C ILE A 147 -23.62 1.23 0.76
N ARG A 148 -24.55 1.04 -0.19
CA ARG A 148 -25.26 -0.23 -0.29
C ARG A 148 -24.29 -1.40 -0.36
N LYS A 149 -23.27 -1.29 -1.22
CA LYS A 149 -22.37 -2.41 -1.44
C LYS A 149 -21.49 -2.67 -0.23
N LEU A 150 -21.12 -1.63 0.51
CA LEU A 150 -20.35 -1.83 1.73
C LEU A 150 -21.17 -2.52 2.80
N LEU A 151 -22.38 -2.01 3.07
CA LEU A 151 -23.23 -2.61 4.09
C LEU A 151 -23.57 -4.05 3.76
N GLU A 152 -23.93 -4.31 2.49
CA GLU A 152 -24.28 -5.67 2.09
C GLU A 152 -23.11 -6.62 2.25
N SER A 153 -21.89 -6.17 1.93
CA SER A 153 -20.71 -7.00 2.09
C SER A 153 -20.46 -7.38 3.54
N GLN A 154 -20.98 -6.60 4.48
CA GLN A 154 -20.79 -6.85 5.90
C GLN A 154 -22.00 -7.50 6.55
N GLY A 155 -22.99 -7.90 5.76
CA GLY A 155 -24.15 -8.59 6.30
C GLY A 155 -25.22 -7.69 6.85
N ARG A 156 -25.25 -6.42 6.46
CA ARG A 156 -26.29 -5.51 6.95
C ARG A 156 -27.29 -5.18 5.85
N LYS A 157 -28.00 -6.19 5.34
CA LYS A 157 -29.04 -5.96 4.35
C LYS A 157 -30.33 -5.46 4.96
N ASP A 158 -30.41 -5.39 6.30
CA ASP A 158 -31.58 -4.83 6.96
C ASP A 158 -31.62 -3.31 6.89
N ILE A 159 -30.49 -2.67 6.63
CA ILE A 159 -30.42 -1.22 6.64
C ILE A 159 -31.00 -0.69 5.32
N LYS A 160 -32.03 0.13 5.43
CA LYS A 160 -32.69 0.70 4.26
C LYS A 160 -32.01 1.99 3.84
N LEU A 161 -31.90 2.21 2.55
CA LEU A 161 -31.15 3.33 2.00
C LEU A 161 -32.05 4.26 1.21
N ILE A 162 -31.95 5.54 1.49
CA ILE A 162 -32.58 6.59 0.68
C ILE A 162 -31.54 7.09 -0.31
N ASP A 163 -31.84 6.97 -1.59
CA ASP A 163 -30.92 7.38 -2.66
C ASP A 163 -31.25 8.80 -3.07
N ILE A 164 -30.46 9.76 -2.59
CA ILE A 164 -30.54 11.14 -3.09
C ILE A 164 -29.80 11.22 -4.41
N ALA A 165 -30.48 11.72 -5.44
CA ALA A 165 -29.91 11.80 -6.78
C ALA A 165 -29.46 13.21 -7.13
N LEU A 166 -29.00 13.97 -6.14
CA LEU A 166 -28.40 15.28 -6.40
C LEU A 166 -27.37 15.17 -7.50
N SER A 167 -27.43 16.09 -8.46
CA SER A 167 -26.34 16.21 -9.41
C SER A 167 -25.05 16.53 -8.65
N LYS A 168 -23.92 16.15 -9.26
CA LYS A 168 -22.63 16.47 -8.65
C LYS A 168 -22.51 17.96 -8.39
N THR A 169 -22.95 18.78 -9.34
CA THR A 169 -22.83 20.23 -9.20
C THR A 169 -23.66 20.74 -8.02
N ASP A 170 -24.93 20.34 -7.94
CA ASP A 170 -25.77 20.79 -6.84
C ASP A 170 -25.29 20.24 -5.50
N SER A 171 -24.72 19.04 -5.50
CA SER A 171 -24.30 18.40 -4.25
C SER A 171 -23.23 19.21 -3.53
N ARG A 172 -22.44 19.97 -4.27
CA ARG A 172 -21.31 20.69 -3.68
C ARG A 172 -21.54 22.19 -3.64
N LYS A 173 -22.80 22.63 -3.62
CA LYS A 173 -23.08 24.05 -3.61
C LYS A 173 -22.61 24.73 -2.32
N TYR A 174 -22.56 24.00 -1.20
CA TYR A 174 -22.05 24.57 0.05
C TYR A 174 -20.65 24.07 0.39
N GLU A 175 -19.92 23.57 -0.60
CA GLU A 175 -18.62 22.95 -0.32
C GLU A 175 -17.69 23.91 0.41
N ASN A 176 -17.49 25.12 -0.13
CA ASN A 176 -16.55 26.04 0.49
C ASN A 176 -17.01 26.46 1.88
N ALA A 177 -18.31 26.71 2.03
CA ALA A 177 -18.83 27.16 3.32
C ALA A 177 -18.69 26.07 4.39
N VAL A 178 -18.85 24.80 4.00
CA VAL A 178 -18.72 23.71 4.96
C VAL A 178 -17.28 23.56 5.41
N TRP A 179 -16.34 23.61 4.46
CA TRP A 179 -14.93 23.56 4.84
C TRP A 179 -14.55 24.74 5.73
N ASP A 180 -15.08 25.92 5.43
CA ASP A 180 -14.73 27.09 6.23
C ASP A 180 -15.27 26.97 7.65
N GLN A 181 -16.45 26.39 7.81
CA GLN A 181 -17.02 26.25 9.15
C GLN A 181 -16.42 25.07 9.91
N TYR A 182 -16.00 24.00 9.22
CA TYR A 182 -15.69 22.74 9.88
C TYR A 182 -14.34 22.14 9.53
N LYS A 183 -13.45 22.88 8.87
CA LYS A 183 -12.20 22.27 8.37
C LYS A 183 -11.40 21.61 9.47
N ASP A 184 -11.45 22.15 10.68
CA ASP A 184 -10.61 21.57 11.73
C ASP A 184 -11.16 20.26 12.27
N LEU A 185 -12.30 19.79 11.75
CA LEU A 185 -12.78 18.47 12.10
C LEU A 185 -12.10 17.34 11.33
N CYS A 186 -11.49 17.64 10.18
CA CYS A 186 -10.75 16.60 9.44
C CYS A 186 -9.52 17.20 8.77
N HIS A 187 -8.35 16.71 9.16
CA HIS A 187 -7.06 17.20 8.70
C HIS A 187 -6.39 16.27 7.70
N MET A 188 -7.05 15.17 7.32
CA MET A 188 -6.36 14.07 6.67
C MET A 188 -6.19 14.26 5.17
N HIS A 189 -6.73 15.32 4.58
CA HIS A 189 -6.74 15.50 3.13
C HIS A 189 -5.63 16.48 2.78
N THR A 190 -4.41 15.95 2.75
CA THR A 190 -3.19 16.75 2.67
C THR A 190 -2.65 16.88 1.25
N GLY A 191 -3.02 15.98 0.36
CA GLY A 191 -2.45 15.97 -0.97
C GLY A 191 -3.19 16.88 -1.94
N VAL A 192 -2.53 17.15 -3.07
CA VAL A 192 -3.16 17.91 -4.15
C VAL A 192 -4.10 16.97 -4.89
N VAL A 193 -5.35 17.41 -5.09
CA VAL A 193 -6.36 16.63 -5.78
C VAL A 193 -6.72 17.35 -7.07
N VAL A 194 -6.87 16.58 -8.15
CA VAL A 194 -7.13 17.15 -9.47
C VAL A 194 -8.37 16.50 -10.08
N GLU A 195 -8.91 17.18 -11.09
CA GLU A 195 -10.03 16.70 -11.88
C GLU A 195 -9.67 16.80 -13.35
N LYS A 196 -10.10 15.81 -14.14
CA LYS A 196 -9.91 15.87 -15.59
C LYS A 196 -10.89 16.86 -16.18
N LYS A 197 -10.39 17.75 -17.05
CA LYS A 197 -11.18 18.84 -17.56
C LYS A 197 -12.04 18.41 -18.75
N LYS A 198 -13.06 19.22 -19.03
CA LYS A 198 -14.06 18.88 -20.03
C LYS A 198 -13.45 18.62 -21.40
N ARG A 199 -12.42 19.40 -21.78
CA ARG A 199 -11.79 19.28 -23.09
C ARG A 199 -10.31 18.89 -22.99
N GLY A 200 -9.95 18.12 -21.99
CA GLY A 200 -8.56 17.71 -21.84
C GLY A 200 -7.83 18.53 -20.80
N GLY A 201 -6.80 17.93 -20.21
CA GLY A 201 -6.04 18.59 -19.17
C GLY A 201 -6.63 18.37 -17.79
N LYS A 202 -5.93 18.92 -16.80
CA LYS A 202 -6.27 18.74 -15.40
C LYS A 202 -6.39 20.10 -14.72
N GLU A 203 -7.03 20.12 -13.55
CA GLU A 203 -7.09 21.31 -12.72
C GLU A 203 -7.29 20.90 -11.27
N GLU A 204 -6.73 21.70 -10.36
CA GLU A 204 -6.81 21.38 -8.94
C GLU A 204 -8.20 21.66 -8.40
N ILE A 205 -8.67 20.77 -7.53
CA ILE A 205 -9.99 20.90 -6.90
C ILE A 205 -9.82 20.71 -5.40
N THR A 206 -10.88 21.00 -4.66
CA THR A 206 -10.89 20.75 -3.23
C THR A 206 -11.00 19.25 -2.96
N PRO A 207 -10.20 18.69 -2.06
CA PRO A 207 -10.30 17.26 -1.75
C PRO A 207 -11.70 16.88 -1.26
N HIS A 208 -12.08 15.63 -1.51
CA HIS A 208 -13.37 15.08 -1.11
C HIS A 208 -13.20 14.28 0.16
N CYS A 209 -13.85 14.75 1.23
CA CYS A 209 -13.86 14.19 2.58
C CYS A 209 -15.23 13.60 2.89
N ALA A 210 -15.25 12.39 3.47
CA ALA A 210 -16.52 11.73 3.74
C ALA A 210 -17.38 12.50 4.74
N LEU A 211 -16.74 13.13 5.74
CA LEU A 211 -17.50 13.87 6.73
C LEU A 211 -18.03 15.18 6.16
N MET A 212 -17.15 15.96 5.52
CA MET A 212 -17.58 17.20 4.88
C MET A 212 -18.68 16.93 3.86
N ASP A 213 -18.60 15.80 3.16
CA ASP A 213 -19.62 15.44 2.19
C ASP A 213 -20.98 15.27 2.86
N CYS A 214 -21.03 14.52 3.96
CA CYS A 214 -22.29 14.37 4.69
C CYS A 214 -22.89 15.72 5.04
N ILE A 215 -22.06 16.61 5.60
CA ILE A 215 -22.54 17.91 6.04
C ILE A 215 -23.05 18.74 4.86
N MET A 216 -22.28 18.79 3.78
CA MET A 216 -22.67 19.65 2.67
C MET A 216 -23.82 19.06 1.86
N PHE A 217 -23.91 17.73 1.78
CA PHE A 217 -25.05 17.12 1.09
C PHE A 217 -26.34 17.39 1.83
N ASP A 218 -26.32 17.29 3.17
CA ASP A 218 -27.52 17.60 3.94
C ASP A 218 -27.91 19.06 3.77
N ALA A 219 -26.94 19.95 3.72
CA ALA A 219 -27.22 21.37 3.52
C ALA A 219 -27.87 21.62 2.15
N ALA A 220 -27.37 20.94 1.11
CA ALA A 220 -27.91 21.13 -0.22
C ALA A 220 -29.33 20.59 -0.34
N VAL A 221 -29.64 19.49 0.36
CA VAL A 221 -31.00 18.95 0.30
C VAL A 221 -31.93 19.75 1.20
N SER A 222 -31.41 20.30 2.30
CA SER A 222 -32.21 21.09 3.22
C SER A 222 -32.49 22.49 2.69
N GLY A 223 -31.73 22.95 1.71
CA GLY A 223 -31.91 24.31 1.23
C GLY A 223 -31.20 25.36 2.05
N GLY A 224 -30.20 24.98 2.85
CA GLY A 224 -29.46 25.94 3.65
C GLY A 224 -28.43 25.31 4.55
N LEU A 225 -27.34 26.02 4.82
CA LEU A 225 -26.28 25.55 5.71
C LEU A 225 -26.50 26.16 7.09
N ASN A 226 -26.84 25.33 8.07
CA ASN A 226 -26.92 25.79 9.45
C ASN A 226 -25.53 25.95 10.05
N THR A 227 -25.43 26.88 11.00
CA THR A 227 -24.34 26.86 11.96
C THR A 227 -24.77 25.95 13.11
N SER A 228 -24.05 24.86 13.28
CA SER A 228 -24.38 23.88 14.31
C SER A 228 -23.10 23.36 14.92
N VAL A 229 -23.06 23.29 16.25
CA VAL A 229 -21.95 22.63 16.92
C VAL A 229 -22.09 21.12 16.70
N LEU A 230 -21.09 20.51 16.08
CA LEU A 230 -21.10 19.08 15.86
C LEU A 230 -20.36 18.37 16.98
N ARG A 231 -20.63 17.07 17.13
CA ARG A 231 -20.07 16.30 18.23
C ARG A 231 -19.69 14.91 17.75
N ALA A 232 -18.45 14.50 18.04
CA ALA A 232 -17.99 13.18 17.64
C ALA A 232 -18.57 12.11 18.56
N VAL A 233 -19.10 11.04 17.96
CA VAL A 233 -19.65 9.93 18.73
C VAL A 233 -18.56 8.99 19.22
N LEU A 234 -17.59 8.68 18.36
CA LEU A 234 -16.52 7.77 18.78
C LEU A 234 -15.48 8.53 19.61
N PRO A 235 -15.01 7.94 20.71
CA PRO A 235 -13.92 8.57 21.45
C PRO A 235 -12.62 8.55 20.65
N ARG A 236 -11.82 9.62 20.83
CA ARG A 236 -10.64 9.79 19.99
C ARG A 236 -9.64 8.66 20.19
N ASP A 237 -9.60 8.08 21.38
CA ASP A 237 -8.76 6.94 21.71
C ASP A 237 -9.13 5.68 20.95
N MET A 238 -10.31 5.64 20.32
CA MET A 238 -10.72 4.46 19.59
C MET A 238 -10.35 4.50 18.11
N VAL A 239 -10.21 5.71 17.55
CA VAL A 239 -10.04 5.81 16.10
C VAL A 239 -8.58 5.71 15.65
N PHE A 240 -7.61 5.94 16.54
CA PHE A 240 -6.20 5.81 16.18
C PHE A 240 -5.50 4.94 17.21
N ARG A 241 -4.48 4.22 16.76
CA ARG A 241 -3.97 3.04 17.48
C ARG A 241 -2.86 3.38 18.47
N THR A 242 -1.68 3.76 17.97
CA THR A 242 -0.46 3.68 18.77
C THR A 242 -0.16 5.01 19.46
N SER A 243 0.21 4.93 20.74
CA SER A 243 0.56 6.13 21.51
C SER A 243 1.94 6.00 22.15
N THR A 244 2.78 5.10 21.67
CA THR A 244 4.13 4.97 22.21
C THR A 244 5.08 5.87 21.43
N PRO A 245 5.81 6.77 22.09
CA PRO A 245 6.79 7.60 21.38
C PRO A 245 7.79 6.76 20.60
N ARG A 246 7.93 7.07 19.31
CA ARG A 246 8.91 6.40 18.47
C ARG A 246 10.32 6.95 18.67
N VAL A 247 10.46 8.12 19.28
CA VAL A 247 11.74 8.77 19.50
C VAL A 247 11.67 9.55 20.81
N VAL A 248 12.75 9.51 21.59
CA VAL A 248 12.90 10.40 22.73
C VAL A 248 13.60 11.67 22.25
N LEU A 249 12.97 12.81 22.49
CA LEU A 249 13.50 14.09 22.05
C LEU A 249 13.82 15.00 23.23
N ALA B 43 2.79 4.96 -17.54
CA ALA B 43 2.64 3.67 -18.21
C ALA B 43 3.85 2.78 -17.91
N GLY B 44 4.90 2.93 -18.70
CA GLY B 44 6.11 2.14 -18.54
C GLY B 44 7.33 2.89 -19.02
N LEU B 45 8.24 2.17 -19.66
CA LEU B 45 9.50 2.75 -20.10
C LEU B 45 9.35 3.40 -21.46
N THR B 46 10.07 4.51 -21.65
CA THR B 46 10.10 5.16 -22.95
C THR B 46 10.87 4.30 -23.94
N TYR B 47 10.80 4.69 -25.22
CA TYR B 47 11.59 4.00 -26.24
C TYR B 47 13.07 4.09 -25.91
N SER B 48 13.52 5.29 -25.54
CA SER B 48 14.91 5.49 -25.15
C SER B 48 15.32 4.53 -24.04
N GLN B 49 14.49 4.42 -23.00
CA GLN B 49 14.82 3.54 -21.88
C GLN B 49 14.86 2.07 -22.30
N LEU B 50 13.94 1.66 -23.17
CA LEU B 50 13.95 0.27 -23.63
C LEU B 50 15.21 -0.05 -24.42
N MET B 51 15.70 0.91 -25.20
CA MET B 51 16.93 0.68 -25.95
C MET B 51 18.14 0.64 -25.02
N THR B 52 18.19 1.55 -24.04
CA THR B 52 19.23 1.48 -23.02
C THR B 52 19.20 0.15 -22.26
N LEU B 53 17.98 -0.33 -21.95
CA LEU B 53 17.85 -1.61 -21.26
C LEU B 53 18.35 -2.76 -22.13
N LYS B 54 17.99 -2.74 -23.42
CA LYS B 54 18.45 -3.78 -24.34
C LYS B 54 19.96 -3.82 -24.41
N ASP B 55 20.60 -2.65 -24.47
CA ASP B 55 22.07 -2.63 -24.48
C ASP B 55 22.63 -3.13 -23.17
N ALA B 56 22.03 -2.72 -22.04
CA ALA B 56 22.53 -3.15 -20.74
C ALA B 56 22.49 -4.66 -20.58
N MET B 57 21.48 -5.31 -21.16
CA MET B 57 21.35 -6.76 -21.06
C MET B 57 22.49 -7.50 -21.77
N LEU B 58 23.18 -6.83 -22.72
CA LEU B 58 24.37 -7.41 -23.32
C LEU B 58 25.48 -7.61 -22.30
N GLN B 59 25.40 -6.95 -21.15
CA GLN B 59 26.36 -7.15 -20.08
C GLN B 59 26.17 -8.48 -19.36
N LEU B 60 25.09 -9.19 -19.64
CA LEU B 60 24.91 -10.54 -19.13
C LEU B 60 25.45 -11.55 -20.12
N ASP B 61 26.20 -12.53 -19.60
CA ASP B 61 26.62 -13.67 -20.40
C ASP B 61 25.48 -14.67 -20.40
N PRO B 62 24.80 -14.86 -21.55
CA PRO B 62 23.62 -15.75 -21.57
C PRO B 62 23.94 -17.20 -21.26
N ASN B 63 25.20 -17.59 -21.20
CA ASN B 63 25.59 -18.97 -20.90
C ASN B 63 26.29 -19.12 -19.56
N ALA B 64 26.45 -18.05 -18.80
CA ALA B 64 27.07 -18.13 -17.48
C ALA B 64 25.99 -18.37 -16.42
N LYS B 65 26.43 -18.89 -15.27
CA LYS B 65 25.51 -19.08 -14.15
C LYS B 65 24.89 -17.74 -13.77
N THR B 66 23.56 -17.75 -13.60
CA THR B 66 22.81 -16.55 -13.25
C THR B 66 21.85 -16.91 -12.12
N TRP B 67 22.04 -16.29 -10.97
CA TRP B 67 21.11 -16.42 -9.85
C TRP B 67 19.98 -15.41 -9.99
N MET B 68 18.81 -15.77 -9.48
CA MET B 68 17.69 -14.84 -9.41
C MET B 68 16.97 -15.03 -8.09
N ASP B 69 16.51 -13.93 -7.51
CA ASP B 69 15.66 -14.03 -6.32
C ASP B 69 14.76 -12.80 -6.28
N ILE B 70 13.66 -12.92 -5.52
CA ILE B 70 12.73 -11.81 -5.39
C ILE B 70 12.31 -11.69 -3.94
N GLU B 71 11.98 -10.47 -3.53
CA GLU B 71 11.20 -10.22 -2.33
C GLU B 71 9.80 -9.80 -2.76
N GLY B 72 8.81 -10.20 -1.95
CA GLY B 72 7.43 -10.08 -2.37
C GLY B 72 6.95 -11.32 -3.10
N ARG B 73 5.63 -11.40 -3.26
CA ARG B 73 5.02 -12.52 -3.95
C ARG B 73 5.26 -12.42 -5.46
N PRO B 74 5.22 -13.55 -6.17
CA PRO B 74 5.51 -13.49 -7.62
C PRO B 74 4.49 -12.69 -8.40
N GLU B 75 3.25 -12.62 -7.92
CA GLU B 75 2.24 -11.78 -8.55
C GLU B 75 2.36 -10.31 -8.14
N ASP B 76 3.26 -9.99 -7.21
CA ASP B 76 3.40 -8.65 -6.65
C ASP B 76 4.81 -8.43 -6.10
N PRO B 77 5.85 -8.58 -6.90
CA PRO B 77 7.21 -8.44 -6.36
C PRO B 77 7.56 -7.00 -6.07
N VAL B 78 8.41 -6.80 -5.07
CA VAL B 78 8.90 -5.47 -4.74
C VAL B 78 10.42 -5.33 -4.85
N GLU B 79 11.16 -6.43 -4.86
CA GLU B 79 12.61 -6.34 -5.09
C GLU B 79 13.02 -7.53 -5.93
N ILE B 80 13.77 -7.26 -6.99
CA ILE B 80 14.20 -8.29 -7.93
C ILE B 80 15.71 -8.16 -8.12
N ALA B 81 16.39 -9.30 -8.09
CA ALA B 81 17.83 -9.33 -8.33
C ALA B 81 18.19 -10.50 -9.22
N LEU B 82 19.09 -10.26 -10.17
CA LEU B 82 19.77 -11.30 -10.92
C LEU B 82 21.27 -11.07 -10.79
N TYR B 83 22.04 -12.16 -10.70
CA TYR B 83 23.44 -12.02 -10.33
C TYR B 83 24.28 -13.06 -11.05
N GLN B 84 25.34 -12.60 -11.72
CA GLN B 84 26.26 -13.52 -12.40
C GLN B 84 27.57 -13.52 -11.63
N PRO B 85 27.83 -14.54 -10.82
CA PRO B 85 29.05 -14.54 -9.99
C PRO B 85 30.33 -14.48 -10.79
N SER B 86 30.33 -15.01 -12.01
CA SER B 86 31.57 -15.05 -12.80
C SER B 86 32.10 -13.66 -13.07
N SER B 87 31.22 -12.72 -13.43
CA SER B 87 31.64 -11.35 -13.75
C SER B 87 31.39 -10.37 -12.62
N GLY B 88 30.54 -10.71 -11.66
CA GLY B 88 30.11 -9.76 -10.65
C GLY B 88 28.97 -8.87 -11.09
N ALA B 89 28.43 -9.06 -12.29
CA ALA B 89 27.35 -8.22 -12.78
C ALA B 89 26.04 -8.58 -12.09
N TYR B 90 25.24 -7.57 -11.78
CA TYR B 90 23.94 -7.84 -11.19
C TYR B 90 22.89 -6.86 -11.70
N ILE B 91 21.68 -7.37 -11.86
CA ILE B 91 20.48 -6.58 -12.13
C ILE B 91 19.74 -6.45 -10.81
N HIS B 92 19.35 -5.23 -10.46
CA HIS B 92 18.73 -5.06 -9.15
C HIS B 92 17.81 -3.86 -9.19
N PHE B 93 16.53 -4.06 -8.89
CA PHE B 93 15.58 -2.95 -8.97
C PHE B 93 14.39 -3.25 -8.09
N PHE B 94 13.50 -2.27 -7.99
CA PHE B 94 12.40 -2.31 -7.03
C PHE B 94 11.09 -1.98 -7.74
N ARG B 95 10.00 -2.31 -7.05
CA ARG B 95 8.67 -2.13 -7.60
C ARG B 95 7.72 -1.82 -6.44
N GLU B 96 6.80 -0.91 -6.68
CA GLU B 96 5.79 -0.56 -5.68
C GLU B 96 4.71 -1.65 -5.63
N PRO B 97 4.31 -2.09 -4.44
CA PRO B 97 3.33 -3.18 -4.35
C PRO B 97 1.93 -2.73 -4.75
N THR B 98 1.14 -3.68 -5.23
CA THR B 98 -0.29 -3.43 -5.42
C THR B 98 -1.11 -3.78 -4.19
N ASP B 99 -0.71 -4.83 -3.46
CA ASP B 99 -1.42 -5.28 -2.26
C ASP B 99 -0.64 -4.81 -1.04
N LEU B 100 -1.16 -3.78 -0.38
CA LEU B 100 -0.45 -3.22 0.77
C LEU B 100 -0.54 -4.13 2.00
N LYS B 101 -1.65 -4.83 2.19
CA LYS B 101 -1.77 -5.68 3.37
C LYS B 101 -0.74 -6.79 3.35
N GLN B 102 -0.55 -7.43 2.19
CA GLN B 102 0.47 -8.46 2.08
C GLN B 102 1.87 -7.86 2.17
N PHE B 103 2.06 -6.67 1.59
CA PHE B 103 3.36 -6.01 1.70
C PHE B 103 3.75 -5.78 3.16
N LYS B 104 2.80 -5.32 3.98
CA LYS B 104 3.11 -5.07 5.39
C LYS B 104 3.53 -6.35 6.10
N GLN B 105 2.91 -7.48 5.78
CA GLN B 105 3.30 -8.74 6.39
C GLN B 105 4.69 -9.16 5.92
N ASP B 106 4.94 -9.05 4.63
CA ASP B 106 6.28 -9.35 4.10
C ASP B 106 7.32 -8.41 4.71
N ALA B 107 6.95 -7.15 4.93
CA ALA B 107 7.89 -6.21 5.53
C ALA B 107 8.27 -6.62 6.95
N LYS B 108 7.31 -7.20 7.69
CA LYS B 108 7.56 -7.54 9.08
C LYS B 108 8.34 -8.85 9.23
N TYR B 109 8.10 -9.81 8.33
CA TYR B 109 8.67 -11.14 8.46
C TYR B 109 9.73 -11.45 7.42
N SER B 110 10.01 -10.54 6.49
CA SER B 110 11.01 -10.81 5.47
C SER B 110 11.92 -9.61 5.19
N HIS B 111 11.41 -8.59 4.50
CA HIS B 111 12.30 -7.63 3.83
C HIS B 111 12.45 -6.27 4.50
N GLY B 112 11.56 -5.90 5.43
CA GLY B 112 11.74 -4.63 6.13
C GLY B 112 11.78 -3.39 5.27
N ILE B 113 11.20 -3.43 4.08
CA ILE B 113 11.19 -2.26 3.21
C ILE B 113 10.06 -1.32 3.64
N ASP B 114 10.36 -0.03 3.67
CA ASP B 114 9.38 1.02 3.91
C ASP B 114 8.72 1.36 2.57
N VAL B 115 7.39 1.25 2.51
CA VAL B 115 6.70 1.37 1.24
C VAL B 115 6.90 2.74 0.60
N THR B 116 7.14 3.79 1.39
CA THR B 116 7.34 5.10 0.77
C THR B 116 8.64 5.17 -0.03
N ASP B 117 9.62 4.34 0.32
CA ASP B 117 10.85 4.28 -0.45
C ASP B 117 10.67 3.62 -1.81
N LEU B 118 9.48 3.11 -2.11
CA LEU B 118 9.17 2.51 -3.41
C LEU B 118 8.32 3.41 -4.30
N PHE B 119 7.92 4.59 -3.81
CA PHE B 119 7.07 5.45 -4.61
C PHE B 119 7.78 6.02 -5.82
N ALA B 120 9.11 6.12 -5.78
CA ALA B 120 9.89 6.70 -6.86
C ALA B 120 10.40 5.66 -7.86
N THR B 121 10.00 4.40 -7.73
CA THR B 121 10.48 3.36 -8.63
C THR B 121 9.86 3.51 -10.02
N GLN B 122 10.61 3.08 -11.02
CA GLN B 122 10.19 3.17 -12.41
C GLN B 122 9.07 2.17 -12.69
N PRO B 123 7.86 2.61 -13.04
CA PRO B 123 6.78 1.66 -13.33
C PRO B 123 7.09 0.85 -14.58
N GLY B 124 6.66 -0.41 -14.55
CA GLY B 124 6.82 -1.28 -15.69
C GLY B 124 8.20 -1.88 -15.87
N LEU B 125 9.14 -1.60 -14.96
CA LEU B 125 10.50 -2.09 -15.14
C LEU B 125 10.56 -3.61 -15.04
N THR B 126 9.76 -4.19 -14.15
CA THR B 126 9.77 -5.65 -13.99
C THR B 126 9.43 -6.36 -15.30
N SER B 127 8.32 -5.98 -15.93
CA SER B 127 7.98 -6.59 -17.21
C SER B 127 9.02 -6.30 -18.27
N ALA B 128 9.57 -5.08 -18.28
CA ALA B 128 10.56 -4.72 -19.30
C ALA B 128 11.83 -5.54 -19.15
N VAL B 129 12.28 -5.72 -17.91
CA VAL B 129 13.50 -6.49 -17.66
C VAL B 129 13.30 -7.95 -18.05
N ILE B 130 12.17 -8.54 -17.63
CA ILE B 130 11.94 -9.94 -17.93
C ILE B 130 11.75 -10.14 -19.43
N ASP B 131 11.11 -9.19 -20.10
CA ASP B 131 11.03 -9.20 -21.56
C ASP B 131 12.41 -9.25 -22.20
N ALA B 132 13.38 -8.57 -21.60
CA ALA B 132 14.68 -8.35 -22.21
C ALA B 132 15.67 -9.48 -21.94
N LEU B 133 15.36 -10.39 -21.02
CA LEU B 133 16.28 -11.47 -20.69
C LEU B 133 16.57 -12.33 -21.92
N PRO B 134 17.80 -12.79 -22.08
CA PRO B 134 18.13 -13.64 -23.24
C PRO B 134 17.25 -14.88 -23.31
N ARG B 135 16.92 -15.28 -24.53
CA ARG B 135 16.03 -16.42 -24.75
C ARG B 135 16.70 -17.72 -24.34
N ASN B 136 15.94 -18.62 -23.72
CA ASN B 136 16.39 -19.91 -23.24
C ASN B 136 17.56 -19.81 -22.26
N MET B 137 17.69 -18.66 -21.59
CA MET B 137 18.60 -18.46 -20.48
C MET B 137 18.38 -19.51 -19.40
N VAL B 138 19.42 -19.83 -18.62
CA VAL B 138 19.29 -20.78 -17.51
C VAL B 138 19.50 -20.00 -16.22
N ILE B 139 18.51 -20.03 -15.33
CA ILE B 139 18.51 -19.24 -14.11
C ILE B 139 18.52 -20.17 -12.91
N THR B 140 19.40 -19.90 -11.96
CA THR B 140 19.55 -20.71 -10.77
C THR B 140 18.84 -20.01 -9.61
N CYS B 141 18.08 -20.76 -8.80
CA CYS B 141 17.40 -20.10 -7.70
C CYS B 141 17.19 -21.05 -6.53
N GLN B 142 17.05 -20.45 -5.35
CA GLN B 142 16.79 -21.18 -4.12
C GLN B 142 15.28 -21.20 -3.91
N GLY B 143 14.65 -22.31 -4.28
CA GLY B 143 13.21 -22.39 -4.29
C GLY B 143 12.62 -21.79 -5.56
N SER B 144 12.58 -22.59 -6.63
CA SER B 144 12.27 -22.07 -7.94
C SER B 144 10.81 -21.69 -8.12
N ASP B 145 9.92 -22.12 -7.23
CA ASP B 145 8.49 -22.01 -7.47
C ASP B 145 8.07 -20.57 -7.75
N ASP B 146 8.47 -19.62 -6.89
CA ASP B 146 7.97 -18.26 -7.08
C ASP B 146 8.66 -17.57 -8.24
N ILE B 147 9.97 -17.80 -8.43
CA ILE B 147 10.63 -17.31 -9.64
C ILE B 147 9.94 -17.85 -10.88
N ARG B 148 9.59 -19.14 -10.87
CA ARG B 148 8.95 -19.73 -12.04
C ARG B 148 7.59 -19.09 -12.30
N LYS B 149 6.79 -18.87 -11.25
CA LYS B 149 5.49 -18.23 -11.43
C LYS B 149 5.64 -16.84 -12.02
N LEU B 150 6.61 -16.07 -11.53
CA LEU B 150 6.83 -14.73 -12.05
C LEU B 150 7.19 -14.77 -13.53
N LEU B 151 8.14 -15.64 -13.89
CA LEU B 151 8.58 -15.71 -15.29
C LEU B 151 7.45 -16.19 -16.19
N GLU B 152 6.60 -17.08 -15.69
CA GLU B 152 5.50 -17.60 -16.50
C GLU B 152 4.41 -16.56 -16.69
N SER B 153 4.16 -15.73 -15.67
CA SER B 153 3.20 -14.64 -15.81
C SER B 153 3.61 -13.65 -16.88
N GLN B 154 4.90 -13.59 -17.21
CA GLN B 154 5.43 -12.73 -18.25
C GLN B 154 5.67 -13.48 -19.56
N GLY B 155 5.15 -14.70 -19.67
CA GLY B 155 5.29 -15.46 -20.89
C GLY B 155 6.71 -15.93 -21.19
N ARG B 156 7.54 -16.11 -20.17
CA ARG B 156 8.91 -16.57 -20.42
C ARG B 156 9.11 -18.02 -19.98
N LYS B 157 8.23 -18.93 -20.40
CA LYS B 157 8.42 -20.35 -20.12
C LYS B 157 9.66 -20.91 -20.80
N ASP B 158 10.27 -20.17 -21.72
CA ASP B 158 11.49 -20.64 -22.38
C ASP B 158 12.66 -20.71 -21.42
N ILE B 159 12.69 -19.84 -20.40
CA ILE B 159 13.80 -19.82 -19.46
C ILE B 159 13.77 -21.09 -18.61
N LYS B 160 14.90 -21.78 -18.57
CA LYS B 160 15.04 -22.96 -17.74
C LYS B 160 15.53 -22.57 -16.35
N LEU B 161 15.00 -23.24 -15.33
CA LEU B 161 15.36 -22.96 -13.95
C LEU B 161 16.09 -24.14 -13.32
N ILE B 162 17.08 -23.83 -12.49
CA ILE B 162 17.77 -24.81 -11.66
C ILE B 162 17.42 -24.51 -10.22
N ASP B 163 16.78 -25.46 -9.54
CA ASP B 163 16.37 -25.29 -8.15
C ASP B 163 17.45 -25.89 -7.26
N ILE B 164 18.11 -25.02 -6.47
CA ILE B 164 19.30 -25.44 -5.73
C ILE B 164 18.94 -26.26 -4.50
N ALA B 165 17.92 -25.84 -3.77
CA ALA B 165 17.35 -26.63 -2.66
C ALA B 165 18.35 -26.82 -1.52
N LEU B 166 18.91 -25.71 -1.04
CA LEU B 166 19.65 -25.74 0.22
C LEU B 166 18.67 -25.71 1.39
N SER B 167 19.10 -26.25 2.52
CA SER B 167 18.31 -26.07 3.73
C SER B 167 18.35 -24.60 4.14
N LYS B 168 17.37 -24.21 4.93
CA LYS B 168 17.29 -22.82 5.41
C LYS B 168 18.60 -22.40 6.06
N THR B 169 19.12 -23.25 6.96
CA THR B 169 20.31 -22.85 7.70
C THR B 169 21.56 -22.87 6.82
N ASP B 170 21.67 -23.83 5.90
CA ASP B 170 22.81 -23.84 4.98
C ASP B 170 22.77 -22.63 4.06
N SER B 171 21.57 -22.22 3.65
CA SER B 171 21.45 -21.10 2.72
C SER B 171 21.99 -19.81 3.31
N ARG B 172 21.94 -19.67 4.64
CA ARG B 172 22.30 -18.44 5.33
C ARG B 172 23.69 -18.49 5.96
N LYS B 173 24.51 -19.49 5.60
CA LYS B 173 25.75 -19.67 6.34
C LYS B 173 26.69 -18.48 6.17
N TYR B 174 26.62 -17.78 5.04
CA TYR B 174 27.44 -16.59 4.83
C TYR B 174 26.63 -15.30 4.89
N GLU B 175 25.49 -15.33 5.57
CA GLU B 175 24.60 -14.17 5.60
C GLU B 175 25.30 -12.94 6.16
N ASN B 176 25.90 -13.07 7.35
CA ASN B 176 26.53 -11.91 7.98
C ASN B 176 27.72 -11.40 7.18
N ALA B 177 28.53 -12.32 6.64
CA ALA B 177 29.72 -11.91 5.89
C ALA B 177 29.34 -11.21 4.60
N VAL B 178 28.24 -11.61 3.97
CA VAL B 178 27.80 -11.00 2.72
C VAL B 178 27.31 -9.58 2.98
N TRP B 179 26.52 -9.39 4.04
CA TRP B 179 26.10 -8.03 4.39
C TRP B 179 27.29 -7.17 4.77
N ASP B 180 28.26 -7.73 5.50
CA ASP B 180 29.45 -6.98 5.86
C ASP B 180 30.19 -6.51 4.61
N GLN B 181 30.33 -7.39 3.61
CA GLN B 181 31.08 -7.02 2.41
C GLN B 181 30.26 -6.08 1.52
N TYR B 182 28.95 -6.30 1.41
CA TYR B 182 28.18 -5.70 0.32
C TYR B 182 27.00 -4.84 0.78
N LYS B 183 26.96 -4.43 2.05
CA LYS B 183 25.84 -3.64 2.54
C LYS B 183 25.66 -2.34 1.76
N ASP B 184 26.76 -1.78 1.22
CA ASP B 184 26.67 -0.54 0.45
C ASP B 184 25.84 -0.71 -0.81
N LEU B 185 25.56 -1.94 -1.23
CA LEU B 185 24.84 -2.15 -2.48
C LEU B 185 23.32 -2.04 -2.34
N CYS B 186 22.78 -2.18 -1.12
CA CYS B 186 21.32 -2.05 -0.94
C CYS B 186 21.02 -1.45 0.42
N HIS B 187 20.44 -0.25 0.42
CA HIS B 187 20.07 0.46 1.64
C HIS B 187 18.58 0.40 1.93
N MET B 188 17.84 -0.42 1.21
CA MET B 188 16.38 -0.32 1.22
C MET B 188 15.72 -1.05 2.39
N HIS B 189 16.48 -1.80 3.19
CA HIS B 189 15.90 -2.66 4.22
C HIS B 189 16.06 -1.97 5.58
N THR B 190 15.12 -1.05 5.84
CA THR B 190 15.23 -0.11 6.96
C THR B 190 14.42 -0.52 8.18
N GLY B 191 13.43 -1.41 8.02
CA GLY B 191 12.59 -1.78 9.15
C GLY B 191 13.13 -2.97 9.94
N VAL B 192 12.62 -3.13 11.15
CA VAL B 192 12.95 -4.28 11.98
C VAL B 192 12.19 -5.49 11.45
N VAL B 193 12.88 -6.62 11.32
CA VAL B 193 12.32 -7.85 10.79
C VAL B 193 12.40 -8.92 11.87
N VAL B 194 11.35 -9.72 11.98
CA VAL B 194 11.22 -10.69 13.07
C VAL B 194 10.83 -12.04 12.50
N GLU B 195 11.04 -13.08 13.31
CA GLU B 195 10.73 -14.45 12.96
C GLU B 195 10.17 -15.16 14.19
N LYS B 196 9.07 -15.89 14.00
CA LYS B 196 8.38 -16.52 15.11
C LYS B 196 8.95 -17.90 15.41
N LYS B 197 9.00 -18.25 16.69
CA LYS B 197 9.59 -19.51 17.13
C LYS B 197 8.52 -20.60 17.27
N LYS B 198 8.91 -21.83 16.95
CA LYS B 198 7.97 -22.95 16.98
C LYS B 198 7.28 -23.07 18.33
N ARG B 199 8.05 -22.94 19.41
CA ARG B 199 7.54 -23.13 20.76
C ARG B 199 7.00 -21.84 21.37
N GLY B 200 6.77 -20.82 20.56
CA GLY B 200 6.18 -19.58 21.01
C GLY B 200 7.17 -18.42 20.96
N GLY B 201 6.65 -17.22 20.72
CA GLY B 201 7.46 -16.02 20.72
C GLY B 201 8.17 -15.78 19.41
N LYS B 202 8.85 -14.64 19.34
CA LYS B 202 9.56 -14.23 18.14
C LYS B 202 10.98 -13.78 18.47
N GLU B 203 11.75 -13.58 17.40
CA GLU B 203 13.16 -13.20 17.46
C GLU B 203 13.44 -12.24 16.31
N GLU B 204 14.14 -11.15 16.58
CA GLU B 204 14.51 -10.25 15.48
C GLU B 204 15.62 -10.86 14.66
N ILE B 205 15.54 -10.67 13.33
CA ILE B 205 16.47 -11.30 12.39
C ILE B 205 16.94 -10.28 11.38
N THR B 206 17.97 -10.66 10.63
CA THR B 206 18.48 -9.82 9.56
C THR B 206 17.47 -9.76 8.42
N PRO B 207 17.17 -8.57 7.89
CA PRO B 207 16.20 -8.48 6.79
C PRO B 207 16.67 -9.24 5.55
N HIS B 208 15.71 -9.55 4.68
CA HIS B 208 15.96 -10.41 3.53
C HIS B 208 16.03 -9.52 2.30
N CYS B 209 17.18 -9.56 1.62
CA CYS B 209 17.43 -8.76 0.43
C CYS B 209 17.61 -9.70 -0.75
N ALA B 210 16.91 -9.41 -1.86
CA ALA B 210 16.99 -10.25 -3.04
C ALA B 210 18.43 -10.34 -3.55
N LEU B 211 19.16 -9.23 -3.48
CA LEU B 211 20.53 -9.23 -3.99
C LEU B 211 21.48 -9.95 -3.04
N MET B 212 21.42 -9.62 -1.74
CA MET B 212 22.27 -10.32 -0.78
C MET B 212 21.98 -11.82 -0.81
N ASP B 213 20.72 -12.19 -1.04
CA ASP B 213 20.38 -13.62 -1.10
C ASP B 213 21.10 -14.31 -2.26
N CYS B 214 21.05 -13.71 -3.46
CA CYS B 214 21.80 -14.27 -4.58
C CYS B 214 23.27 -14.48 -4.23
N ILE B 215 23.87 -13.45 -3.62
CA ILE B 215 25.31 -13.51 -3.32
C ILE B 215 25.60 -14.58 -2.29
N MET B 216 24.80 -14.66 -1.22
CA MET B 216 25.10 -15.63 -0.17
C MET B 216 24.70 -17.05 -0.57
N PHE B 217 23.67 -17.21 -1.40
CA PHE B 217 23.33 -18.56 -1.85
C PHE B 217 24.42 -19.12 -2.74
N ASP B 218 24.97 -18.30 -3.62
CA ASP B 218 26.09 -18.74 -4.47
C ASP B 218 27.30 -19.11 -3.61
N ALA B 219 27.59 -18.31 -2.58
CA ALA B 219 28.72 -18.63 -1.71
C ALA B 219 28.52 -19.98 -1.02
N ALA B 220 27.29 -20.27 -0.58
CA ALA B 220 27.02 -21.53 0.10
C ALA B 220 27.19 -22.71 -0.84
N VAL B 221 26.70 -22.59 -2.08
CA VAL B 221 26.87 -23.68 -3.04
C VAL B 221 28.33 -23.80 -3.45
N SER B 222 29.05 -22.68 -3.54
CA SER B 222 30.46 -22.71 -3.91
C SER B 222 31.35 -23.23 -2.79
N GLY B 223 30.86 -23.26 -1.56
CA GLY B 223 31.70 -23.66 -0.45
C GLY B 223 32.66 -22.59 0.03
N GLY B 224 32.31 -21.32 -0.16
CA GLY B 224 33.17 -20.25 0.32
C GLY B 224 32.74 -18.90 -0.21
N LEU B 225 32.96 -17.85 0.58
CA LEU B 225 32.69 -16.47 0.15
C LEU B 225 33.99 -15.90 -0.40
N ASN B 226 34.12 -15.85 -1.72
CA ASN B 226 35.35 -15.36 -2.34
C ASN B 226 35.00 -14.64 -3.63
N THR B 227 34.01 -13.75 -3.55
CA THR B 227 33.65 -12.86 -4.64
C THR B 227 34.35 -11.51 -4.44
N SER B 228 34.33 -10.69 -5.48
CA SER B 228 35.03 -9.42 -5.34
C SER B 228 34.13 -8.23 -5.64
N VAL B 229 34.63 -7.28 -6.44
CA VAL B 229 33.86 -6.08 -6.73
C VAL B 229 32.72 -6.43 -7.67
N LEU B 230 31.50 -6.05 -7.28
CA LEU B 230 30.32 -6.26 -8.11
C LEU B 230 30.00 -5.00 -8.89
N ARG B 231 29.08 -5.13 -9.85
CA ARG B 231 28.79 -4.00 -10.73
C ARG B 231 27.34 -4.02 -11.16
N ALA B 232 26.64 -2.90 -10.94
CA ALA B 232 25.24 -2.77 -11.32
C ALA B 232 25.10 -2.68 -12.84
N VAL B 233 24.24 -3.52 -13.41
CA VAL B 233 23.96 -3.49 -14.84
C VAL B 233 23.03 -2.33 -15.19
N LEU B 234 22.02 -2.09 -14.37
CA LEU B 234 21.05 -1.05 -14.71
C LEU B 234 21.54 0.32 -14.24
N PRO B 235 21.39 1.35 -15.08
CA PRO B 235 21.65 2.72 -14.62
C PRO B 235 20.68 3.09 -13.49
N ARG B 236 21.17 3.87 -12.54
CA ARG B 236 20.31 4.26 -11.41
C ARG B 236 19.15 5.12 -11.86
N ASP B 237 19.34 5.90 -12.93
CA ASP B 237 18.27 6.71 -13.51
C ASP B 237 17.16 5.87 -14.13
N MET B 238 17.42 4.58 -14.38
CA MET B 238 16.37 3.68 -14.83
C MET B 238 15.64 3.02 -13.67
N VAL B 239 16.32 2.83 -12.55
CA VAL B 239 15.73 2.13 -11.41
C VAL B 239 14.79 3.06 -10.64
N PHE B 240 15.16 4.33 -10.52
CA PHE B 240 14.35 5.31 -9.82
C PHE B 240 14.04 6.49 -10.74
N ARG B 241 12.85 7.05 -10.59
CA ARG B 241 12.46 8.21 -11.39
C ARG B 241 13.17 9.48 -10.94
N THR B 242 13.46 9.58 -9.65
CA THR B 242 14.22 10.70 -9.11
C THR B 242 15.71 10.38 -9.19
N SER B 243 16.50 11.34 -9.66
CA SER B 243 17.95 11.17 -9.78
C SER B 243 18.61 11.83 -8.58
N THR B 244 18.85 11.04 -7.54
CA THR B 244 19.41 11.57 -6.30
C THR B 244 20.94 11.63 -6.39
N PRO B 245 21.54 12.78 -6.13
CA PRO B 245 23.01 12.88 -6.20
C PRO B 245 23.68 12.09 -5.08
N ARG B 246 24.90 11.61 -5.38
CA ARG B 246 25.68 10.89 -4.39
C ARG B 246 26.21 11.84 -3.33
N VAL B 247 26.59 11.26 -2.19
CA VAL B 247 26.87 12.03 -0.98
C VAL B 247 28.26 12.68 -1.09
N VAL B 248 28.29 14.00 -1.02
CA VAL B 248 29.55 14.74 -1.02
C VAL B 248 29.99 14.95 0.42
N LEU B 249 31.13 14.37 0.77
CA LEU B 249 31.69 14.52 2.11
C LEU B 249 32.73 15.63 2.15
#